data_6MIM
#
_entry.id   6MIM
#
_cell.length_a   42.159
_cell.length_b   59.697
_cell.length_c   155.395
_cell.angle_alpha   90.00
_cell.angle_beta   90.00
_cell.angle_gamma   90.00
#
_symmetry.space_group_name_H-M   'P 21 21 21'
#
loop_
_entity.id
_entity.type
_entity.pdbx_description
1 polymer 'Protein AF-9'
2 polymer 'Histone H3K9cr'
3 water water
#
loop_
_entity_poly.entity_id
_entity_poly.type
_entity_poly.pdbx_seq_one_letter_code
_entity_poly.pdbx_strand_id
1 'polypeptide(L)'
;GSHMASSCAVQVKLELGHRAQVRKKPTVEGFTHDWMVFVRGPEHSNIQHFVEKVVFHLHESFPRPKRVCKDPPYKVEESG
WAGFILPIEVYFKNKEEPRKVRFDYDLFLHLEGHPPVNHLRCEKLTFNNPTEDFRRKLLKA
;
A,C
2 'polypeptide(L)' QTAR(KCR)SSTGG B,D
#
# COMPACT_ATOMS: atom_id res chain seq x y z
N MET A 4 2.00 5.13 -39.24
CA MET A 4 3.14 5.75 -39.89
C MET A 4 2.91 7.25 -39.95
N ALA A 5 1.68 7.63 -40.29
CA ALA A 5 1.29 9.03 -40.41
C ALA A 5 0.83 9.63 -39.09
N SER A 6 0.41 8.80 -38.14
CA SER A 6 -0.04 9.28 -36.85
C SER A 6 1.06 9.15 -35.81
N SER A 7 0.87 9.90 -34.72
CA SER A 7 1.83 9.98 -33.64
C SER A 7 1.08 10.38 -32.39
N CYS A 8 1.53 9.89 -31.23
CA CYS A 8 0.78 10.00 -30.00
C CYS A 8 1.67 10.47 -28.86
N ALA A 9 1.20 11.44 -28.08
CA ALA A 9 1.87 11.82 -26.83
C ALA A 9 0.86 11.73 -25.70
N VAL A 10 1.11 10.82 -24.74
CA VAL A 10 0.26 10.72 -23.55
C VAL A 10 0.86 11.54 -22.41
N GLN A 11 0.04 12.35 -21.77
CA GLN A 11 0.43 13.17 -20.63
C GLN A 11 -0.28 12.72 -19.37
N VAL A 12 0.48 12.40 -18.31
CA VAL A 12 -0.11 12.09 -17.01
C VAL A 12 0.34 13.13 -15.97
N LYS A 13 -0.56 13.42 -15.04
CA LYS A 13 -0.24 14.32 -13.93
C LYS A 13 0.12 13.52 -12.68
N LEU A 14 1.20 13.91 -12.03
CA LEU A 14 1.62 13.34 -10.76
C LEU A 14 1.70 14.44 -9.72
N GLU A 15 1.35 14.12 -8.47
CA GLU A 15 1.45 15.05 -7.37
C GLU A 15 2.38 14.46 -6.32
N LEU A 16 3.46 15.17 -6.04
CA LEU A 16 4.40 14.87 -4.98
C LEU A 16 4.17 15.87 -3.87
N GLY A 17 4.25 15.43 -2.62
CA GLY A 17 4.15 16.45 -1.58
C GLY A 17 4.56 15.90 -0.25
N HIS A 18 4.40 16.74 0.78
CA HIS A 18 4.73 16.27 2.12
C HIS A 18 4.09 17.18 3.16
N ARG A 19 3.98 16.64 4.37
CA ARG A 19 3.45 17.31 5.52
C ARG A 19 4.48 17.20 6.63
N ALA A 20 4.72 18.30 7.34
CA ALA A 20 5.68 18.25 8.44
C ALA A 20 5.18 19.10 9.59
N GLN A 21 5.18 18.50 10.78
CA GLN A 21 4.67 19.14 11.98
C GLN A 21 5.62 18.90 13.14
N VAL A 22 5.83 19.94 13.94
CA VAL A 22 6.58 19.77 15.17
C VAL A 22 5.75 18.91 16.11
N ARG A 23 6.39 17.91 16.74
CA ARG A 23 5.70 17.00 17.66
C ARG A 23 5.34 17.71 18.95
N LYS A 24 4.37 17.13 19.68
CA LYS A 24 4.09 17.57 21.06
C LYS A 24 5.36 17.52 21.91
N LYS A 25 5.95 16.34 22.02
CA LYS A 25 7.25 16.13 22.65
C LYS A 25 8.15 15.38 21.68
N PRO A 26 9.44 15.70 21.68
CA PRO A 26 10.38 14.94 20.87
C PRO A 26 10.39 13.47 21.24
N THR A 27 10.95 12.68 20.36
CA THR A 27 11.22 11.30 20.70
C THR A 27 12.52 11.19 21.47
N VAL A 28 12.89 9.96 21.80
CA VAL A 28 14.03 9.74 22.67
C VAL A 28 15.32 10.25 22.03
N GLU A 29 15.44 10.15 20.71
CA GLU A 29 16.67 10.60 20.05
C GLU A 29 16.65 12.09 19.76
N GLY A 30 15.59 12.79 20.13
CA GLY A 30 15.51 14.18 19.79
C GLY A 30 14.85 14.47 18.46
N PHE A 31 14.01 13.55 17.94
CA PHE A 31 13.29 13.81 16.71
C PHE A 31 12.17 14.79 17.00
N THR A 32 12.25 15.94 16.40
CA THR A 32 11.32 16.98 16.62
C THR A 32 10.10 17.05 15.74
N HIS A 33 10.15 16.41 14.59
CA HIS A 33 9.05 16.47 13.67
C HIS A 33 8.50 15.17 13.22
N ASP A 34 7.23 15.19 12.87
CA ASP A 34 6.61 14.05 12.22
C ASP A 34 6.27 14.54 10.81
N TRP A 35 6.63 13.76 9.80
CA TRP A 35 6.38 14.15 8.44
C TRP A 35 5.87 12.96 7.67
N MET A 36 5.32 13.26 6.50
CA MET A 36 4.70 12.28 5.63
C MET A 36 4.97 12.75 4.22
N VAL A 37 5.54 11.89 3.38
CA VAL A 37 5.82 12.25 2.00
C VAL A 37 5.08 11.29 1.08
N PHE A 38 4.59 11.79 -0.07
CA PHE A 38 3.70 10.97 -0.88
C PHE A 38 3.82 11.30 -2.36
N VAL A 39 3.43 10.31 -3.16
CA VAL A 39 3.20 10.46 -4.59
C VAL A 39 1.79 9.97 -4.89
N ARG A 40 1.03 10.72 -5.68
CA ARG A 40 -0.35 10.36 -5.97
C ARG A 40 -0.75 11.02 -7.28
N GLY A 41 -2.02 10.86 -7.66
CA GLY A 41 -2.52 11.54 -8.82
C GLY A 41 -3.44 12.65 -8.40
N PRO A 42 -3.57 13.69 -9.22
CA PRO A 42 -4.50 14.77 -8.86
C PRO A 42 -5.91 14.23 -8.81
N GLU A 43 -6.77 14.93 -8.08
CA GLU A 43 -8.19 14.60 -7.93
C GLU A 43 -8.43 13.10 -7.71
N HIS A 44 -7.62 12.52 -6.80
CA HIS A 44 -7.79 11.14 -6.37
C HIS A 44 -7.82 10.17 -7.56
N SER A 45 -7.21 10.54 -8.68
CA SER A 45 -7.09 9.63 -9.81
C SER A 45 -6.20 8.44 -9.45
N ASN A 46 -6.41 7.32 -10.12
CA ASN A 46 -5.73 6.07 -9.78
C ASN A 46 -4.55 5.89 -10.71
N ILE A 47 -3.35 6.21 -10.22
CA ILE A 47 -2.12 6.05 -10.99
C ILE A 47 -1.56 4.64 -10.92
N GLN A 48 -2.06 3.80 -10.02
CA GLN A 48 -1.66 2.41 -10.00
C GLN A 48 -1.86 1.74 -11.35
N HIS A 49 -2.82 2.21 -12.16
CA HIS A 49 -2.96 1.67 -13.52
C HIS A 49 -1.62 1.60 -14.24
N PHE A 50 -0.82 2.62 -14.16
CA PHE A 50 0.46 2.58 -14.85
C PHE A 50 1.67 2.63 -13.95
N VAL A 51 1.49 2.72 -12.64
CA VAL A 51 2.61 2.82 -11.72
C VAL A 51 2.88 1.46 -11.14
N GLU A 52 4.11 0.98 -11.33
CA GLU A 52 4.56 -0.27 -10.73
C GLU A 52 4.83 -0.08 -9.23
N LYS A 53 5.90 0.61 -8.89
CA LYS A 53 6.24 0.84 -7.50
C LYS A 53 6.83 2.23 -7.40
N VAL A 54 6.75 2.79 -6.20
CA VAL A 54 7.40 4.06 -5.87
C VAL A 54 8.45 3.77 -4.82
N VAL A 55 9.67 4.24 -5.08
CA VAL A 55 10.78 4.08 -4.18
C VAL A 55 11.12 5.44 -3.67
N PHE A 56 10.97 5.65 -2.37
CA PHE A 56 11.51 6.81 -1.67
C PHE A 56 12.87 6.44 -1.10
N HIS A 57 13.88 7.23 -1.45
CA HIS A 57 15.24 7.06 -0.98
C HIS A 57 15.46 8.01 0.19
N LEU A 58 15.25 7.50 1.42
CA LEU A 58 15.48 8.33 2.59
C LEU A 58 16.97 8.60 2.77
N HIS A 59 17.28 9.45 3.75
CA HIS A 59 18.65 9.78 4.09
C HIS A 59 19.21 8.65 4.96
N GLU A 60 20.48 8.37 4.73
CA GLU A 60 21.13 7.29 5.38
C GLU A 60 20.82 7.12 6.84
N SER A 61 20.58 8.22 7.52
CA SER A 61 20.34 8.08 8.96
C SER A 61 19.06 7.34 9.29
N PHE A 62 18.25 7.04 8.34
CA PHE A 62 17.09 6.25 8.74
C PHE A 62 17.37 4.76 8.58
N PRO A 63 16.74 3.97 9.39
CA PRO A 63 16.91 2.53 9.29
C PRO A 63 16.33 2.09 8.01
N ARG A 64 17.05 1.34 7.20
CA ARG A 64 16.48 0.85 5.95
C ARG A 64 15.85 2.05 5.26
N PRO A 65 16.69 2.86 4.61
CA PRO A 65 16.23 4.08 3.93
C PRO A 65 15.44 3.83 2.67
N LYS A 66 15.76 2.80 1.87
CA LYS A 66 15.01 2.48 0.67
C LYS A 66 13.61 2.02 1.07
N ARG A 67 12.64 2.94 1.06
CA ARG A 67 11.26 2.64 1.37
C ARG A 67 10.50 2.45 0.07
N VAL A 68 9.83 1.31 -0.07
CA VAL A 68 9.27 0.88 -1.34
C VAL A 68 7.80 0.65 -1.12
N CYS A 69 6.97 1.33 -1.90
CA CYS A 69 5.52 1.12 -1.84
C CYS A 69 5.15 0.56 -3.20
N LYS A 70 4.69 -0.68 -3.19
CA LYS A 70 4.27 -1.36 -4.41
C LYS A 70 2.80 -1.14 -4.69
N ASP A 71 2.02 -0.77 -3.68
CA ASP A 71 0.60 -0.45 -3.82
C ASP A 71 0.31 0.93 -3.24
N PRO A 72 -0.75 1.58 -3.72
CA PRO A 72 -1.20 2.81 -3.08
C PRO A 72 -1.59 2.49 -1.63
N PRO A 73 -1.45 3.46 -0.69
CA PRO A 73 -0.91 4.81 -0.94
C PRO A 73 0.61 4.79 -1.01
N TYR A 74 1.17 5.61 -1.89
CA TYR A 74 2.61 5.69 -2.11
C TYR A 74 3.12 6.78 -1.19
N LYS A 75 3.48 6.38 0.02
CA LYS A 75 3.81 7.37 1.01
C LYS A 75 4.66 6.71 2.07
N VAL A 76 5.46 7.55 2.73
CA VAL A 76 6.28 7.18 3.86
C VAL A 76 5.98 8.14 5.01
N GLU A 77 5.77 7.59 6.20
CA GLU A 77 5.55 8.40 7.39
C GLU A 77 6.76 8.22 8.28
N GLU A 78 7.41 9.32 8.62
CA GLU A 78 8.56 9.23 9.47
C GLU A 78 8.50 10.29 10.57
N SER A 79 9.53 10.19 11.48
CA SER A 79 9.88 11.25 12.42
C SER A 79 11.36 11.60 12.25
N GLY A 80 11.64 12.86 12.38
CA GLY A 80 13.02 13.24 12.22
C GLY A 80 13.34 14.60 12.80
N TRP A 81 14.44 15.19 12.46
CA TRP A 81 14.83 16.45 13.06
C TRP A 81 15.37 17.45 12.04
N ALA A 82 15.68 17.00 10.82
CA ALA A 82 16.21 17.93 9.84
C ALA A 82 15.72 17.55 8.46
N GLY A 83 15.68 18.55 7.58
CA GLY A 83 15.21 18.34 6.23
C GLY A 83 16.33 17.90 5.33
N PHE A 84 15.98 17.24 4.24
CA PHE A 84 16.97 16.71 3.32
C PHE A 84 16.34 16.62 1.93
N ILE A 85 17.16 16.24 0.95
CA ILE A 85 16.74 16.01 -0.43
C ILE A 85 16.48 14.52 -0.56
N LEU A 86 15.32 14.16 -1.08
CA LEU A 86 14.75 12.82 -0.96
C LEU A 86 14.47 12.31 -2.36
N PRO A 87 15.35 11.50 -2.93
CA PRO A 87 15.10 11.00 -4.28
C PRO A 87 13.90 10.10 -4.30
N ILE A 88 12.96 10.39 -5.18
CA ILE A 88 11.80 9.55 -5.39
C ILE A 88 11.89 9.00 -6.80
N GLU A 89 11.78 7.68 -6.93
CA GLU A 89 11.71 6.99 -8.23
C GLU A 89 10.32 6.41 -8.44
N VAL A 90 9.74 6.72 -9.59
CA VAL A 90 8.43 6.18 -9.97
C VAL A 90 8.65 5.19 -11.11
N TYR A 91 8.29 3.93 -10.85
CA TYR A 91 8.47 2.82 -11.78
C TYR A 91 7.16 2.52 -12.48
N PHE A 92 7.25 2.30 -13.79
CA PHE A 92 6.07 2.13 -14.62
C PHE A 92 5.83 0.68 -15.01
N LYS A 93 4.54 0.37 -15.15
CA LYS A 93 4.07 -0.90 -15.68
C LYS A 93 4.23 -0.95 -17.19
N ASN A 94 5.47 -0.74 -17.64
CA ASN A 94 5.81 -0.86 -19.05
C ASN A 94 7.12 -1.63 -19.17
N LYS A 95 7.60 -1.78 -20.40
CA LYS A 95 8.80 -2.55 -20.68
C LYS A 95 9.84 -1.79 -21.50
N GLU A 96 9.51 -0.65 -22.09
CA GLU A 96 10.45 0.11 -22.90
C GLU A 96 10.74 1.43 -22.21
N GLU A 97 11.99 1.90 -22.29
CA GLU A 97 12.40 3.17 -21.70
C GLU A 97 11.45 4.30 -22.10
N PRO A 98 11.06 5.13 -21.12
CA PRO A 98 11.51 5.02 -19.72
C PRO A 98 10.75 3.97 -18.90
N ARG A 99 11.48 3.20 -18.09
CA ARG A 99 10.80 2.36 -17.11
C ARG A 99 10.67 3.04 -15.75
N LYS A 100 11.44 4.10 -15.49
CA LYS A 100 11.38 4.85 -14.24
C LYS A 100 11.53 6.34 -14.53
N VAL A 101 11.16 7.15 -13.54
CA VAL A 101 11.43 8.59 -13.56
C VAL A 101 11.86 9.01 -12.16
N ARG A 102 12.76 9.97 -12.07
CA ARG A 102 13.34 10.31 -10.79
C ARG A 102 13.08 11.78 -10.48
N PHE A 103 12.78 12.08 -9.22
CA PHE A 103 12.67 13.46 -8.77
C PHE A 103 13.50 13.63 -7.51
N ASP A 104 14.22 14.72 -7.42
CA ASP A 104 14.79 15.08 -6.13
C ASP A 104 13.72 15.86 -5.39
N TYR A 105 13.14 15.28 -4.36
CA TYR A 105 12.10 15.96 -3.61
C TYR A 105 12.70 16.66 -2.39
N ASP A 106 12.42 17.95 -2.21
CA ASP A 106 12.93 18.66 -1.06
C ASP A 106 12.01 18.58 0.14
N LEU A 107 12.37 17.70 1.06
CA LEU A 107 11.66 17.46 2.28
C LEU A 107 12.18 18.40 3.34
N PHE A 108 11.57 19.56 3.40
CA PHE A 108 11.95 20.57 4.32
C PHE A 108 11.04 20.64 5.54
N LEU A 109 11.57 21.13 6.64
CA LEU A 109 10.81 21.26 7.88
C LEU A 109 10.82 22.70 8.34
N HIS A 110 9.74 23.16 8.93
CA HIS A 110 9.75 24.48 9.53
C HIS A 110 10.11 24.43 11.02
N LEU A 111 10.65 25.54 11.52
CA LEU A 111 11.05 25.59 12.93
C LEU A 111 9.82 25.63 13.83
N GLU A 112 10.01 25.19 15.07
CA GLU A 112 8.96 25.35 16.06
C GLU A 112 8.58 26.82 16.14
N GLY A 113 7.29 27.08 16.25
CA GLY A 113 6.77 28.41 16.20
C GLY A 113 6.35 28.86 14.82
N HIS A 114 6.76 28.14 13.75
CA HIS A 114 6.40 28.48 12.39
C HIS A 114 5.34 27.53 11.87
N PRO A 115 4.58 27.95 10.86
CA PRO A 115 3.43 27.13 10.43
C PRO A 115 3.87 25.77 9.97
N PRO A 116 3.06 24.74 10.17
CA PRO A 116 3.40 23.40 9.65
C PRO A 116 3.44 23.39 8.14
N VAL A 117 4.25 22.50 7.60
CA VAL A 117 4.37 22.38 6.16
C VAL A 117 3.25 21.52 5.62
N ASN A 118 2.69 21.95 4.49
CA ASN A 118 1.71 21.22 3.72
C ASN A 118 2.05 21.59 2.28
N HIS A 119 2.90 20.79 1.64
CA HIS A 119 3.50 21.23 0.39
C HIS A 119 3.02 20.33 -0.73
N LEU A 120 2.77 20.94 -1.88
CA LEU A 120 2.30 20.24 -3.08
C LEU A 120 3.16 20.65 -4.26
N ARG A 121 3.67 19.68 -4.97
CA ARG A 121 4.50 19.87 -6.16
C ARG A 121 3.90 19.05 -7.29
N CYS A 122 3.69 19.76 -8.39
CA CYS A 122 3.21 19.23 -9.63
C CYS A 122 4.38 18.87 -10.56
N GLU A 123 4.09 17.89 -11.39
CA GLU A 123 4.86 17.24 -12.41
C GLU A 123 4.00 16.69 -13.53
N LYS A 124 4.25 17.11 -14.76
CA LYS A 124 3.50 16.56 -15.90
C LYS A 124 4.43 15.63 -16.71
N LEU A 125 4.11 14.33 -16.79
CA LEU A 125 4.97 13.42 -17.52
C LEU A 125 4.39 13.18 -18.92
N THR A 126 5.23 13.25 -19.93
CA THR A 126 4.80 13.01 -21.29
C THR A 126 5.53 11.78 -21.81
N PHE A 127 4.76 10.85 -22.33
CA PHE A 127 5.25 9.64 -22.97
C PHE A 127 4.97 9.74 -24.46
N ASN A 128 6.03 9.86 -25.25
CA ASN A 128 5.88 9.96 -26.70
C ASN A 128 5.74 8.57 -27.30
N ASN A 129 4.55 8.27 -27.83
CA ASN A 129 4.24 7.09 -28.64
C ASN A 129 4.55 5.82 -27.88
N PRO A 130 3.87 5.55 -26.78
CA PRO A 130 4.13 4.33 -26.05
C PRO A 130 3.55 3.15 -26.80
N THR A 131 3.89 1.95 -26.31
CA THR A 131 3.30 0.69 -26.71
C THR A 131 1.78 0.71 -26.53
N GLU A 132 1.11 -0.21 -27.23
CA GLU A 132 -0.35 -0.26 -27.17
C GLU A 132 -0.82 -0.59 -25.77
N ASP A 133 -0.16 -1.55 -25.12
CA ASP A 133 -0.55 -1.94 -23.77
C ASP A 133 -0.30 -0.81 -22.79
N PHE A 134 0.89 -0.21 -22.87
CA PHE A 134 1.23 0.85 -21.94
C PHE A 134 0.31 2.05 -22.12
N ARG A 135 0.03 2.43 -23.38
CA ARG A 135 -0.91 3.51 -23.62
C ARG A 135 -2.28 3.16 -23.07
N ARG A 136 -2.69 1.90 -23.21
CA ARG A 136 -3.95 1.46 -22.64
C ARG A 136 -4.01 1.72 -21.14
N LYS A 137 -2.90 1.47 -20.42
CA LYS A 137 -3.00 1.65 -18.97
C LYS A 137 -2.80 3.10 -18.56
N LEU A 138 -1.94 3.84 -19.27
CA LEU A 138 -1.84 5.27 -19.03
C LEU A 138 -3.20 5.95 -19.15
N LEU A 139 -4.01 5.53 -20.11
CA LEU A 139 -5.31 6.17 -20.23
C LEU A 139 -6.34 5.66 -19.23
N LYS A 140 -5.94 4.74 -18.36
CA LYS A 140 -6.73 4.23 -17.22
C LYS A 140 -7.87 3.37 -17.68
N MET B 4 -13.06 -21.25 -31.14
CA MET B 4 -14.37 -20.79 -30.70
C MET B 4 -14.51 -19.28 -30.71
N ALA B 5 -15.72 -18.84 -31.05
CA ALA B 5 -16.03 -17.42 -31.15
C ALA B 5 -16.23 -16.75 -29.79
N SER B 6 -16.26 -17.53 -28.72
CA SER B 6 -16.66 -17.05 -27.39
C SER B 6 -15.48 -17.03 -26.44
N SER B 7 -15.37 -15.95 -25.69
CA SER B 7 -14.52 -15.87 -24.52
C SER B 7 -15.34 -15.29 -23.37
N CYS B 8 -14.87 -15.46 -22.12
CA CYS B 8 -15.51 -14.74 -21.01
C CYS B 8 -14.48 -14.32 -19.97
N ALA B 9 -14.65 -13.11 -19.47
CA ALA B 9 -13.94 -12.61 -18.31
C ALA B 9 -14.90 -12.61 -17.13
N VAL B 10 -14.60 -13.43 -16.12
CA VAL B 10 -15.27 -13.34 -14.82
C VAL B 10 -14.48 -12.42 -13.88
N GLN B 11 -15.17 -11.58 -13.13
CA GLN B 11 -14.42 -10.78 -12.19
C GLN B 11 -15.14 -10.70 -10.84
N VAL B 12 -14.35 -10.87 -9.78
CA VAL B 12 -14.88 -10.95 -8.42
C VAL B 12 -14.26 -9.84 -7.58
N LYS B 13 -14.98 -9.48 -6.53
CA LYS B 13 -14.60 -8.40 -5.63
C LYS B 13 -14.23 -8.98 -4.29
N LEU B 14 -12.95 -8.90 -3.93
CA LEU B 14 -12.53 -9.14 -2.56
C LEU B 14 -12.37 -7.82 -1.84
N GLU B 15 -12.68 -7.82 -0.55
CA GLU B 15 -12.44 -6.73 0.38
C GLU B 15 -11.43 -7.21 1.40
N LEU B 16 -10.28 -6.55 1.46
CA LEU B 16 -9.30 -6.74 2.53
C LEU B 16 -9.46 -5.62 3.57
N GLY B 17 -9.11 -5.90 4.81
CA GLY B 17 -9.28 -4.84 5.77
C GLY B 17 -8.74 -5.21 7.12
N HIS B 18 -8.65 -4.19 7.97
CA HIS B 18 -8.30 -4.52 9.34
C HIS B 18 -8.83 -3.46 10.27
N ARG B 19 -8.95 -3.84 11.55
CA ARG B 19 -9.21 -2.93 12.64
C ARG B 19 -8.04 -2.99 13.62
N ALA B 20 -7.66 -1.84 14.15
CA ALA B 20 -6.65 -1.83 15.21
C ALA B 20 -7.06 -0.83 16.28
N GLN B 21 -7.12 -1.32 17.50
CA GLN B 21 -7.58 -0.58 18.68
C GLN B 21 -6.51 -0.63 19.75
N VAL B 22 -6.10 0.54 20.25
CA VAL B 22 -5.23 0.60 21.42
C VAL B 22 -5.96 0.00 22.60
N ARG B 23 -5.34 -0.98 23.25
CA ARG B 23 -5.88 -1.55 24.48
C ARG B 23 -5.90 -0.53 25.60
N LYS B 24 -6.83 -0.73 26.56
CA LYS B 24 -6.81 0.14 27.74
C LYS B 24 -5.60 -0.15 28.63
N LYS B 25 -5.36 -1.41 28.94
CA LYS B 25 -4.11 -1.83 29.56
C LYS B 25 -3.35 -2.68 28.58
N PRO B 26 -2.07 -2.41 28.37
CA PRO B 26 -1.25 -3.30 27.54
C PRO B 26 -1.25 -4.70 28.12
N THR B 27 -0.81 -5.64 27.30
CA THR B 27 -0.60 -6.97 27.85
C THR B 27 0.72 -7.01 28.62
N VAL B 28 1.02 -8.20 29.15
CA VAL B 28 2.19 -8.37 30.00
C VAL B 28 3.47 -8.30 29.18
N GLU B 29 3.43 -8.74 27.92
CA GLU B 29 4.59 -8.65 27.05
C GLU B 29 4.80 -7.23 26.52
N GLY B 30 3.86 -6.32 26.80
CA GLY B 30 3.92 -4.98 26.28
C GLY B 30 3.10 -4.71 25.03
N PHE B 31 2.16 -5.58 24.67
CA PHE B 31 1.38 -5.41 23.45
C PHE B 31 0.28 -4.39 23.71
N THR B 32 0.29 -3.33 22.93
CA THR B 32 -0.54 -2.17 23.22
C THR B 32 -1.78 -2.09 22.37
N HIS B 33 -1.90 -2.96 21.36
CA HIS B 33 -2.97 -2.94 20.37
C HIS B 33 -3.61 -4.32 20.28
N ASP B 34 -4.91 -4.33 20.00
CA ASP B 34 -5.58 -5.50 19.46
C ASP B 34 -5.98 -5.23 18.01
N TRP B 35 -5.72 -6.18 17.13
CA TRP B 35 -6.15 -5.96 15.77
C TRP B 35 -6.76 -7.22 15.21
N MET B 36 -7.57 -7.02 14.17
CA MET B 36 -8.23 -8.08 13.46
C MET B 36 -8.04 -7.76 11.99
N VAL B 37 -7.54 -8.74 11.21
CA VAL B 37 -7.32 -8.60 9.78
C VAL B 37 -8.23 -9.59 9.05
N PHE B 38 -8.74 -9.22 7.88
CA PHE B 38 -9.70 -10.10 7.23
C PHE B 38 -9.72 -9.97 5.71
N VAL B 39 -10.16 -11.05 5.10
CA VAL B 39 -10.55 -11.06 3.69
C VAL B 39 -12.01 -11.45 3.62
N ARG B 40 -12.77 -10.75 2.79
CA ARG B 40 -14.19 -11.08 2.67
C ARG B 40 -14.70 -10.54 1.33
N GLY B 41 -16.01 -10.63 1.11
CA GLY B 41 -16.60 -10.03 -0.05
C GLY B 41 -17.56 -8.95 0.34
N PRO B 42 -17.85 -8.04 -0.58
CA PRO B 42 -18.80 -6.97 -0.28
C PRO B 42 -20.18 -7.55 -0.02
N GLU B 43 -20.98 -6.79 0.74
CA GLU B 43 -22.38 -7.13 0.96
C GLU B 43 -22.54 -8.53 1.55
N HIS B 44 -21.51 -9.01 2.22
CA HIS B 44 -21.49 -10.37 2.78
C HIS B 44 -21.74 -11.43 1.70
N SER B 45 -21.56 -11.07 0.42
CA SER B 45 -21.55 -12.05 -0.66
C SER B 45 -20.60 -13.18 -0.29
N ASN B 46 -21.02 -14.41 -0.53
CA ASN B 46 -20.19 -15.50 -0.07
C ASN B 46 -19.13 -15.82 -1.10
N ILE B 47 -17.95 -16.14 -0.59
CA ILE B 47 -16.73 -16.30 -1.38
C ILE B 47 -16.12 -17.66 -1.18
N GLN B 48 -16.61 -18.39 -0.19
CA GLN B 48 -16.24 -19.77 0.01
C GLN B 48 -16.50 -20.61 -1.25
N HIS B 49 -17.50 -20.23 -2.05
CA HIS B 49 -17.76 -20.97 -3.28
C HIS B 49 -16.49 -21.14 -4.10
N PHE B 50 -15.69 -20.07 -4.28
CA PHE B 50 -14.47 -20.23 -5.08
C PHE B 50 -13.19 -20.18 -4.27
N VAL B 51 -13.22 -19.70 -3.03
CA VAL B 51 -12.02 -19.64 -2.21
C VAL B 51 -11.89 -20.92 -1.40
N GLU B 52 -10.76 -21.59 -1.59
CA GLU B 52 -10.39 -22.74 -0.79
C GLU B 52 -9.96 -22.34 0.61
N LYS B 53 -8.84 -21.61 0.69
CA LYS B 53 -8.27 -21.11 1.92
C LYS B 53 -7.71 -19.70 1.71
N VAL B 54 -7.62 -18.99 2.83
CA VAL B 54 -6.90 -17.73 2.91
C VAL B 54 -5.79 -17.93 3.95
N VAL B 55 -4.56 -17.56 3.61
CA VAL B 55 -3.42 -17.74 4.49
C VAL B 55 -2.83 -16.37 4.84
N PHE B 56 -2.90 -16.01 6.11
CA PHE B 56 -2.32 -14.76 6.61
C PHE B 56 -0.91 -15.04 7.11
N HIS B 57 0.07 -14.38 6.53
CA HIS B 57 1.47 -14.57 6.89
C HIS B 57 1.88 -13.50 7.88
N LEU B 58 1.90 -13.83 9.17
CA LEU B 58 2.23 -12.85 10.19
C LEU B 58 3.73 -12.56 10.20
N HIS B 59 4.11 -11.52 10.95
CA HIS B 59 5.51 -11.19 11.11
C HIS B 59 6.21 -12.26 11.94
N GLU B 60 7.46 -12.54 11.62
CA GLU B 60 8.19 -13.64 12.23
C GLU B 60 8.14 -13.60 13.76
N SER B 61 7.87 -12.46 14.36
CA SER B 61 7.87 -12.36 15.82
C SER B 61 6.64 -12.98 16.47
N PHE B 62 5.60 -13.32 15.72
CA PHE B 62 4.43 -13.91 16.34
C PHE B 62 4.65 -15.41 16.49
N PRO B 63 3.92 -16.05 17.40
CA PRO B 63 3.95 -17.51 17.43
C PRO B 63 3.19 -18.08 16.24
N ARG B 64 3.86 -18.98 15.53
CA ARG B 64 3.31 -19.63 14.35
C ARG B 64 2.79 -18.68 13.30
N PRO B 65 3.62 -17.74 12.84
CA PRO B 65 3.10 -16.80 11.85
C PRO B 65 2.14 -17.18 10.72
N LYS B 66 2.27 -18.36 10.13
CA LYS B 66 1.39 -18.80 9.07
C LYS B 66 0.02 -19.16 9.65
N ARG B 67 -0.98 -18.27 9.53
CA ARG B 67 -2.34 -18.60 9.97
C ARG B 67 -3.16 -18.96 8.76
N VAL B 68 -3.92 -20.04 8.86
CA VAL B 68 -4.68 -20.54 7.73
C VAL B 68 -6.16 -20.54 8.10
N CYS B 69 -6.97 -19.92 7.26
CA CYS B 69 -8.43 -19.98 7.36
C CYS B 69 -8.98 -20.77 6.18
N LYS B 70 -9.43 -22.00 6.44
CA LYS B 70 -10.02 -22.78 5.36
C LYS B 70 -11.50 -22.52 5.21
N ASP B 71 -12.13 -21.89 6.19
N ASP B 71 -12.11 -21.87 6.21
CA ASP B 71 -13.54 -21.62 6.00
CA ASP B 71 -13.55 -21.64 6.33
C ASP B 71 -13.87 -20.32 6.70
C ASP B 71 -13.80 -20.20 6.75
N PRO B 72 -14.75 -19.50 6.11
CA PRO B 72 -15.11 -18.16 6.60
C PRO B 72 -15.59 -18.15 8.03
N PRO B 73 -15.44 -17.02 8.76
CA PRO B 73 -14.67 -15.79 8.52
C PRO B 73 -13.20 -16.01 8.20
N TYR B 74 -12.70 -15.33 7.19
CA TYR B 74 -11.27 -15.38 6.89
C TYR B 74 -10.62 -14.22 7.63
N LYS B 75 -10.17 -14.48 8.85
CA LYS B 75 -9.64 -13.41 9.66
C LYS B 75 -8.62 -13.96 10.64
N VAL B 76 -7.72 -13.08 11.08
CA VAL B 76 -6.86 -13.34 12.22
C VAL B 76 -7.12 -12.29 13.27
N GLU B 77 -7.08 -12.69 14.53
CA GLU B 77 -7.16 -11.77 15.66
C GLU B 77 -5.89 -11.85 16.48
N GLU B 78 -5.28 -10.71 16.74
CA GLU B 78 -4.04 -10.75 17.48
C GLU B 78 -3.90 -9.52 18.35
N SER B 79 -2.85 -9.54 19.16
CA SER B 79 -2.42 -8.38 19.92
C SER B 79 -0.95 -8.14 19.61
N GLY B 80 -0.54 -6.88 19.60
CA GLY B 80 0.79 -6.52 19.14
C GLY B 80 1.08 -5.06 19.43
N TRP B 81 2.26 -4.63 19.01
CA TRP B 81 2.79 -3.32 19.38
C TRP B 81 3.24 -2.49 18.18
N ALA B 82 3.19 -3.04 16.97
CA ALA B 82 3.80 -2.40 15.82
C ALA B 82 3.21 -2.98 14.56
N GLY B 83 3.09 -2.15 13.54
CA GLY B 83 2.59 -2.62 12.27
C GLY B 83 3.66 -3.14 11.33
N PHE B 84 3.19 -3.82 10.28
CA PHE B 84 4.09 -4.55 9.41
C PHE B 84 3.33 -4.92 8.14
N ILE B 85 4.07 -5.24 7.09
CA ILE B 85 3.47 -5.87 5.92
C ILE B 85 3.12 -7.31 6.23
N LEU B 86 1.86 -7.68 5.95
CA LEU B 86 1.31 -9.02 6.19
C LEU B 86 0.90 -9.59 4.83
N PRO B 87 1.69 -10.49 4.26
CA PRO B 87 1.27 -11.11 2.98
C PRO B 87 0.06 -12.01 3.18
N ILE B 88 -0.98 -11.75 2.40
CA ILE B 88 -2.18 -12.56 2.40
C ILE B 88 -2.25 -13.33 1.10
N GLU B 89 -2.45 -14.63 1.21
CA GLU B 89 -2.55 -15.52 0.05
C GLU B 89 -3.97 -16.07 -0.02
N VAL B 90 -4.61 -15.88 -1.17
CA VAL B 90 -5.92 -16.45 -1.42
C VAL B 90 -5.76 -17.59 -2.40
N TYR B 91 -6.16 -18.79 -1.97
CA TYR B 91 -6.13 -19.99 -2.79
C TYR B 91 -7.51 -20.23 -3.37
N PHE B 92 -7.57 -20.42 -4.67
CA PHE B 92 -8.86 -20.68 -5.29
C PHE B 92 -9.08 -22.18 -5.44
N LYS B 93 -10.35 -22.56 -5.50
CA LYS B 93 -10.76 -23.94 -5.81
C LYS B 93 -10.68 -24.22 -7.32
N ASN B 94 -9.49 -24.54 -7.80
CA ASN B 94 -9.31 -24.79 -9.22
C ASN B 94 -7.96 -25.47 -9.41
N LYS B 95 -7.79 -26.14 -10.55
CA LYS B 95 -6.60 -26.94 -10.79
C LYS B 95 -5.76 -26.36 -11.90
N GLU B 96 -6.18 -25.25 -12.47
CA GLU B 96 -5.38 -24.53 -13.46
C GLU B 96 -4.94 -23.18 -12.87
N GLU B 97 -3.90 -22.63 -13.47
CA GLU B 97 -3.39 -21.34 -13.03
C GLU B 97 -4.39 -20.25 -13.38
N PRO B 98 -4.49 -19.23 -12.54
CA PRO B 98 -3.80 -19.08 -11.24
C PRO B 98 -4.46 -19.81 -10.05
N ARG B 99 -3.63 -20.49 -9.26
CA ARG B 99 -4.14 -21.21 -8.09
C ARG B 99 -4.39 -20.29 -6.91
N LYS B 100 -3.60 -19.23 -6.82
CA LYS B 100 -3.66 -18.34 -5.69
C LYS B 100 -3.32 -16.95 -6.18
N VAL B 101 -3.65 -15.96 -5.39
CA VAL B 101 -3.15 -14.61 -5.60
C VAL B 101 -2.68 -14.08 -4.25
N ARG B 102 -1.63 -13.26 -4.30
CA ARG B 102 -0.96 -12.78 -3.10
C ARG B 102 -1.06 -11.27 -3.07
N PHE B 103 -1.39 -10.73 -1.89
CA PHE B 103 -1.45 -9.30 -1.64
C PHE B 103 -0.54 -8.99 -0.46
N ASP B 104 0.27 -7.92 -0.55
CA ASP B 104 1.03 -7.46 0.60
C ASP B 104 0.16 -6.45 1.31
N TYR B 105 -0.42 -6.87 2.45
CA TYR B 105 -1.35 -6.02 3.17
C TYR B 105 -0.62 -5.19 4.21
N ASP B 106 -0.85 -3.88 4.23
CA ASP B 106 -0.14 -3.04 5.20
C ASP B 106 -0.96 -3.04 6.48
N LEU B 107 -0.52 -3.82 7.47
CA LEU B 107 -1.24 -3.84 8.74
C LEU B 107 -0.63 -2.77 9.61
N PHE B 108 -1.16 -1.57 9.52
CA PHE B 108 -0.60 -0.47 10.27
C PHE B 108 -1.42 -0.21 11.53
N LEU B 109 -0.75 0.32 12.55
CA LEU B 109 -1.37 0.67 13.83
C LEU B 109 -1.28 2.16 14.07
N HIS B 110 -2.29 2.70 14.76
CA HIS B 110 -2.35 4.12 15.09
C HIS B 110 -2.11 4.36 16.58
N LEU B 111 -1.65 5.57 16.89
CA LEU B 111 -1.22 5.89 18.25
C LEU B 111 -2.39 5.94 19.22
N GLU B 112 -2.05 5.74 20.49
CA GLU B 112 -2.93 6.06 21.61
C GLU B 112 -3.46 7.47 21.52
N GLY B 113 -4.76 7.63 21.77
CA GLY B 113 -5.34 8.95 21.74
C GLY B 113 -5.76 9.40 20.39
N HIS B 114 -5.55 8.60 19.37
CA HIS B 114 -6.09 8.78 18.05
C HIS B 114 -7.19 7.77 17.80
N PRO B 115 -8.03 8.00 16.79
CA PRO B 115 -9.08 7.03 16.48
C PRO B 115 -8.47 5.67 16.19
N PRO B 116 -9.22 4.61 16.42
CA PRO B 116 -8.77 3.29 15.99
C PRO B 116 -8.71 3.24 14.48
N VAL B 117 -7.97 2.28 13.98
CA VAL B 117 -7.95 2.03 12.54
C VAL B 117 -9.14 1.15 12.18
N ASN B 118 -9.89 1.56 11.14
CA ASN B 118 -10.94 0.72 10.55
C ASN B 118 -10.77 0.86 9.03
N HIS B 119 -9.83 0.10 8.46
CA HIS B 119 -9.36 0.28 7.09
C HIS B 119 -9.91 -0.76 6.15
N LEU B 120 -10.38 -0.31 4.99
CA LEU B 120 -10.90 -1.18 3.95
C LEU B 120 -10.09 -0.97 2.68
N ARG B 121 -9.83 -2.06 1.96
CA ARG B 121 -9.09 -2.03 0.72
C ARG B 121 -9.76 -2.96 -0.29
N CYS B 122 -10.18 -2.44 -1.43
CA CYS B 122 -10.89 -3.24 -2.41
C CYS B 122 -9.94 -3.81 -3.46
N GLU B 123 -10.03 -5.13 -3.68
CA GLU B 123 -9.26 -5.81 -4.70
C GLU B 123 -10.21 -6.47 -5.67
N LYS B 124 -9.87 -6.39 -6.95
CA LYS B 124 -10.69 -6.95 -8.00
C LYS B 124 -9.89 -8.04 -8.69
N LEU B 125 -10.50 -9.21 -8.80
CA LEU B 125 -9.81 -10.34 -9.42
C LEU B 125 -10.46 -10.66 -10.77
N THR B 126 -9.64 -10.88 -11.79
CA THR B 126 -10.18 -11.14 -13.13
C THR B 126 -9.66 -12.48 -13.61
N PHE B 127 -10.58 -13.39 -13.90
CA PHE B 127 -10.24 -14.68 -14.48
C PHE B 127 -10.75 -14.68 -15.91
N ASN B 128 -9.81 -14.67 -16.85
CA ASN B 128 -10.12 -14.78 -18.27
C ASN B 128 -10.20 -16.25 -18.65
N ASN B 129 -11.29 -16.62 -19.30
CA ASN B 129 -11.46 -17.95 -19.87
C ASN B 129 -11.16 -19.06 -18.85
N PRO B 130 -11.89 -19.10 -17.74
CA PRO B 130 -11.73 -20.23 -16.84
C PRO B 130 -12.49 -21.42 -17.35
N THR B 131 -12.11 -22.59 -16.83
CA THR B 131 -12.87 -23.82 -16.97
C THR B 131 -14.30 -23.64 -16.48
N GLU B 132 -15.18 -24.56 -16.86
CA GLU B 132 -16.58 -24.42 -16.50
C GLU B 132 -16.80 -24.73 -15.05
N ASP B 133 -16.02 -25.66 -14.50
CA ASP B 133 -16.01 -25.95 -13.07
C ASP B 133 -15.77 -24.65 -12.33
N PHE B 134 -14.58 -24.08 -12.54
CA PHE B 134 -14.22 -22.90 -11.79
C PHE B 134 -15.14 -21.73 -12.11
N ARG B 135 -15.59 -21.61 -13.36
CA ARG B 135 -16.46 -20.49 -13.71
C ARG B 135 -17.81 -20.59 -13.01
N ARG B 136 -18.32 -21.79 -12.78
CA ARG B 136 -19.59 -21.85 -12.08
C ARG B 136 -19.38 -21.58 -10.60
N LYS B 137 -18.26 -22.08 -10.05
CA LYS B 137 -17.93 -21.72 -8.68
C LYS B 137 -17.84 -20.20 -8.54
N LEU B 138 -17.25 -19.53 -9.52
CA LEU B 138 -17.12 -18.09 -9.45
C LEU B 138 -18.46 -17.36 -9.51
N LEU B 139 -19.50 -17.96 -10.08
CA LEU B 139 -20.78 -17.28 -10.22
C LEU B 139 -21.80 -17.77 -9.20
N LYS B 140 -21.31 -18.33 -8.09
CA LYS B 140 -22.10 -18.65 -6.89
C LYS B 140 -23.05 -19.78 -7.21
N GLN C 1 13.38 27.95 7.93
CA GLN C 1 13.27 26.50 8.05
C GLN C 1 14.41 25.90 8.87
N THR C 2 14.25 24.64 9.30
CA THR C 2 15.18 24.01 10.23
C THR C 2 16.54 23.77 9.56
N ALA C 3 17.43 23.11 10.31
CA ALA C 3 18.69 22.64 9.76
C ALA C 3 18.44 21.63 8.64
N ARG C 4 19.45 21.45 7.78
CA ARG C 4 19.42 20.35 6.80
C ARG C 4 20.63 19.41 6.95
N KCR C 5 20.18 18.13 6.54
CA KCR C 5 21.38 17.27 6.68
CB KCR C 5 21.03 16.06 7.55
CG KCR C 5 19.56 15.71 7.41
CD KCR C 5 19.27 14.34 8.02
CE KCR C 5 17.93 14.33 8.74
NZ KCR C 5 17.86 13.03 9.40
CH KCR C 5 16.92 12.61 10.25
OH KCR C 5 15.97 13.30 10.58
CX KCR C 5 17.07 11.25 10.78
CY KCR C 5 16.03 10.61 11.29
CH3 KCR C 5 16.19 9.20 11.83
C KCR C 5 21.82 16.80 5.32
O KCR C 5 21.07 16.88 4.36
N SER C 6 23.05 16.43 5.09
CA SER C 6 23.51 15.98 3.78
C SER C 6 23.98 14.52 3.86
N GLN D 1 0.89 7.23 12.90
CA GLN D 1 1.24 5.81 12.89
C GLN D 1 2.30 5.42 13.95
N THR D 2 2.20 4.21 14.52
CA THR D 2 3.17 3.72 15.49
C THR D 2 4.46 3.23 14.83
N ALA D 3 5.30 2.57 15.61
CA ALA D 3 6.50 1.91 15.09
C ALA D 3 6.11 0.79 14.13
N ARG D 4 7.06 0.38 13.30
CA ARG D 4 6.89 -0.77 12.44
C ARG D 4 8.07 -1.72 12.59
N KCR D 5 7.92 -2.91 12.16
CA KCR D 5 9.03 -3.87 12.29
CB KCR D 5 8.71 -4.88 13.38
CG KCR D 5 7.23 -5.28 13.34
CD KCR D 5 6.96 -6.46 14.26
CE KCR D 5 5.63 -6.31 14.97
NZ KCR D 5 5.50 -7.50 15.80
CH KCR D 5 4.60 -7.73 16.75
OH KCR D 5 3.72 -6.93 17.03
CX KCR D 5 4.68 -9.02 17.45
CY KCR D 5 3.85 -9.30 18.45
CH3 KCR D 5 3.94 -10.62 19.17
C KCR D 5 9.21 -4.60 10.98
O KCR D 5 8.25 -4.86 10.27
N SER D 6 10.66 -4.82 10.76
CA SER D 6 11.20 -5.54 9.59
C SER D 6 10.43 -5.30 8.27
#